data_1J4M
# 
_entry.id   1J4M 
# 
_audit_conform.dict_name       mmcif_pdbx.dic 
_audit_conform.dict_version    5.383 
_audit_conform.dict_location   http://mmcif.pdb.org/dictionaries/ascii/mmcif_pdbx.dic 
# 
loop_
_database_2.database_id 
_database_2.database_code 
_database_2.pdbx_database_accession 
_database_2.pdbx_DOI 
PDB   1J4M         pdb_00001j4m 10.2210/pdb1j4m/pdb 
RCSB  RCSB001606   ?            ?                   
WWPDB D_1000001606 ?            ?                   
# 
loop_
_pdbx_audit_revision_history.ordinal 
_pdbx_audit_revision_history.data_content_type 
_pdbx_audit_revision_history.major_revision 
_pdbx_audit_revision_history.minor_revision 
_pdbx_audit_revision_history.revision_date 
1 'Structure model' 1 0 2001-10-17 
2 'Structure model' 1 1 2008-04-26 
3 'Structure model' 1 2 2011-07-13 
4 'Structure model' 1 3 2022-02-23 
5 'Structure model' 1 4 2023-12-27 
# 
_pdbx_audit_revision_details.ordinal             1 
_pdbx_audit_revision_details.revision_ordinal    1 
_pdbx_audit_revision_details.data_content_type   'Structure model' 
_pdbx_audit_revision_details.provider            repository 
_pdbx_audit_revision_details.type                'Initial release' 
_pdbx_audit_revision_details.description         ? 
_pdbx_audit_revision_details.details             ? 
# 
loop_
_pdbx_audit_revision_group.ordinal 
_pdbx_audit_revision_group.revision_ordinal 
_pdbx_audit_revision_group.data_content_type 
_pdbx_audit_revision_group.group 
1 2 'Structure model' 'Version format compliance' 
2 3 'Structure model' 'Version format compliance' 
3 4 'Structure model' 'Data collection'           
4 4 'Structure model' 'Database references'       
5 4 'Structure model' 'Derived calculations'      
6 5 'Structure model' 'Data collection'           
# 
loop_
_pdbx_audit_revision_category.ordinal 
_pdbx_audit_revision_category.revision_ordinal 
_pdbx_audit_revision_category.data_content_type 
_pdbx_audit_revision_category.category 
1 4 'Structure model' database_2            
2 4 'Structure model' pdbx_nmr_software     
3 4 'Structure model' pdbx_struct_assembly  
4 4 'Structure model' pdbx_struct_oper_list 
5 5 'Structure model' chem_comp_atom        
6 5 'Structure model' chem_comp_bond        
# 
loop_
_pdbx_audit_revision_item.ordinal 
_pdbx_audit_revision_item.revision_ordinal 
_pdbx_audit_revision_item.data_content_type 
_pdbx_audit_revision_item.item 
1 4 'Structure model' '_database_2.pdbx_DOI'                
2 4 'Structure model' '_database_2.pdbx_database_accession' 
3 4 'Structure model' '_pdbx_nmr_software.name'             
# 
_pdbx_database_status.entry_id                        1J4M 
_pdbx_database_status.status_code                     REL 
_pdbx_database_status.deposit_site                    RCSB 
_pdbx_database_status.process_site                    RCSB 
_pdbx_database_status.recvd_initial_deposition_date   2001-10-10 
_pdbx_database_status.SG_entry                        . 
_pdbx_database_status.pdb_format_compatible           Y 
_pdbx_database_status.status_code_mr                  ? 
_pdbx_database_status.status_code_sf                  ? 
_pdbx_database_status.status_code_cs                  ? 
_pdbx_database_status.status_code_nmr_data            ? 
_pdbx_database_status.methods_development_category    ? 
# 
_pdbx_database_related.db_name        PDB 
_pdbx_database_related.db_id          1K43 
_pdbx_database_related.details        'ensemble of 10 structures' 
_pdbx_database_related.content_type   unspecified 
# 
loop_
_audit_author.name 
_audit_author.pdbx_ordinal 
'Pastor, M.T.'        1 
'Lopez de la Paz, M.' 2 
'Lacroix, E.'         3 
'Serrano, L.'         4 
'Perez-Paya, E.'      5 
# 
_citation.id                        primary 
_citation.title                     'Combinatorial approaches: a new tool to search for highly structured beta-hairpin peptides.' 
_citation.journal_abbrev            Proc.Natl.Acad.Sci.USA 
_citation.journal_volume            99 
_citation.page_first                614 
_citation.page_last                 619 
_citation.year                      2002 
_citation.journal_id_ASTM           PNASA6 
_citation.country                   US 
_citation.journal_id_ISSN           0027-8424 
_citation.journal_id_CSD            0040 
_citation.book_publisher            ? 
_citation.pdbx_database_id_PubMed   11782528 
_citation.pdbx_database_id_DOI      10.1073/pnas.012583999 
# 
loop_
_citation_author.citation_id 
_citation_author.name 
_citation_author.ordinal 
_citation_author.identifier_ORCID 
primary 'Pastor, M.T.'        1 ? 
primary 'Lopez de la Paz, M.' 2 ? 
primary 'Lacroix, E.'         3 ? 
primary 'Serrano, L.'         4 ? 
primary 'Perez-Paya, E.'      5 ? 
# 
_entity.id                         1 
_entity.type                       polymer 
_entity.src_method                 syn 
_entity.pdbx_description           MBH12 
_entity.formula_weight             1703.877 
_entity.pdbx_number_of_molecules   1 
_entity.pdbx_ec                    ? 
_entity.pdbx_mutation              ? 
_entity.pdbx_fragment              ? 
_entity.details                    ? 
# 
_entity_poly.entity_id                      1 
_entity_poly.type                           'polypeptide(L)' 
_entity_poly.nstd_linkage                   no 
_entity_poly.nstd_monomer                   no 
_entity_poly.pdbx_seq_one_letter_code       RGKWTYNGITYEGR 
_entity_poly.pdbx_seq_one_letter_code_can   RGKWTYNGITYEGR 
_entity_poly.pdbx_strand_id                 A 
_entity_poly.pdbx_target_identifier         ? 
# 
loop_
_entity_poly_seq.entity_id 
_entity_poly_seq.num 
_entity_poly_seq.mon_id 
_entity_poly_seq.hetero 
1 1  ARG n 
1 2  GLY n 
1 3  LYS n 
1 4  TRP n 
1 5  THR n 
1 6  TYR n 
1 7  ASN n 
1 8  GLY n 
1 9  ILE n 
1 10 THR n 
1 11 TYR n 
1 12 GLU n 
1 13 GLY n 
1 14 ARG n 
# 
_pdbx_entity_src_syn.entity_id              1 
_pdbx_entity_src_syn.pdbx_src_id            1 
_pdbx_entity_src_syn.pdbx_alt_source_flag   sample 
_pdbx_entity_src_syn.pdbx_beg_seq_num       ? 
_pdbx_entity_src_syn.pdbx_end_seq_num       ? 
_pdbx_entity_src_syn.organism_scientific    ? 
_pdbx_entity_src_syn.organism_common_name   ? 
_pdbx_entity_src_syn.ncbi_taxonomy_id       ? 
_pdbx_entity_src_syn.details                'The peptide was chemically synthesized using Fmoc chemistry.' 
# 
loop_
_chem_comp.id 
_chem_comp.type 
_chem_comp.mon_nstd_flag 
_chem_comp.name 
_chem_comp.pdbx_synonyms 
_chem_comp.formula 
_chem_comp.formula_weight 
ARG 'L-peptide linking' y ARGININE        ? 'C6 H15 N4 O2 1' 175.209 
ASN 'L-peptide linking' y ASPARAGINE      ? 'C4 H8 N2 O3'    132.118 
GLU 'L-peptide linking' y 'GLUTAMIC ACID' ? 'C5 H9 N O4'     147.129 
GLY 'peptide linking'   y GLYCINE         ? 'C2 H5 N O2'     75.067  
ILE 'L-peptide linking' y ISOLEUCINE      ? 'C6 H13 N O2'    131.173 
LYS 'L-peptide linking' y LYSINE          ? 'C6 H15 N2 O2 1' 147.195 
THR 'L-peptide linking' y THREONINE       ? 'C4 H9 N O3'     119.119 
TRP 'L-peptide linking' y TRYPTOPHAN      ? 'C11 H12 N2 O2'  204.225 
TYR 'L-peptide linking' y TYROSINE        ? 'C9 H11 N O3'    181.189 
# 
loop_
_pdbx_poly_seq_scheme.asym_id 
_pdbx_poly_seq_scheme.entity_id 
_pdbx_poly_seq_scheme.seq_id 
_pdbx_poly_seq_scheme.mon_id 
_pdbx_poly_seq_scheme.ndb_seq_num 
_pdbx_poly_seq_scheme.pdb_seq_num 
_pdbx_poly_seq_scheme.auth_seq_num 
_pdbx_poly_seq_scheme.pdb_mon_id 
_pdbx_poly_seq_scheme.auth_mon_id 
_pdbx_poly_seq_scheme.pdb_strand_id 
_pdbx_poly_seq_scheme.pdb_ins_code 
_pdbx_poly_seq_scheme.hetero 
A 1 1  ARG 1  1  1  ARG ARG A . n 
A 1 2  GLY 2  2  2  GLY GLY A . n 
A 1 3  LYS 3  3  3  LYS LYS A . n 
A 1 4  TRP 4  4  4  TRP TRP A . n 
A 1 5  THR 5  5  5  THR THR A . n 
A 1 6  TYR 6  6  6  TYR TYR A . n 
A 1 7  ASN 7  7  7  ASN ASN A . n 
A 1 8  GLY 8  8  8  GLY GLY A . n 
A 1 9  ILE 9  9  9  ILE ILE A . n 
A 1 10 THR 10 10 10 THR THR A . n 
A 1 11 TYR 11 11 11 TYR TYR A . n 
A 1 12 GLU 12 12 12 GLU GLU A . n 
A 1 13 GLY 13 13 13 GLY GLY A . n 
A 1 14 ARG 14 14 14 ARG ARG A . n 
# 
_exptl.entry_id          1J4M 
_exptl.method            'SOLUTION NMR' 
_exptl.crystals_number   ? 
# 
_exptl_crystal.id                    1 
_exptl_crystal.density_meas          ? 
_exptl_crystal.density_Matthews      ? 
_exptl_crystal.density_percent_sol   ? 
_exptl_crystal.description           ? 
# 
_diffrn.id                     1 
_diffrn.ambient_temp           ? 
_diffrn.ambient_temp_details   ? 
_diffrn.crystal_id             1 
# 
_diffrn_radiation.diffrn_id                        1 
_diffrn_radiation.wavelength_id                    1 
_diffrn_radiation.pdbx_monochromatic_or_laue_m_l   M 
_diffrn_radiation.monochromator                    ? 
_diffrn_radiation.pdbx_diffrn_protocol             'SINGLE WAVELENGTH' 
_diffrn_radiation.pdbx_scattering_type             ? 
# 
_diffrn_radiation_wavelength.id           1 
_diffrn_radiation_wavelength.wavelength   . 
_diffrn_radiation_wavelength.wt           1.0 
# 
_struct.entry_id                  1J4M 
_struct.title                     'Minimized average structure of the 14-residue peptide RG-KWTY-NG-ITYE-GR (MBH12)' 
_struct.pdbx_model_details        ? 
_struct.pdbx_CASP_flag            ? 
_struct.pdbx_model_type_details   ? 
# 
_struct_keywords.entry_id        1J4M 
_struct_keywords.pdbx_keywords   'DE NOVO PROTEIN' 
_struct_keywords.text            'beta-hairpin, DE NOVO PROTEIN' 
# 
_struct_asym.id                            A 
_struct_asym.pdbx_blank_PDB_chainid_flag   N 
_struct_asym.pdbx_modified                 N 
_struct_asym.entity_id                     1 
_struct_asym.details                       ? 
# 
_struct_ref.id                         1 
_struct_ref.entity_id                  1 
_struct_ref.db_name                    PDB 
_struct_ref.db_code                    1J4M 
_struct_ref.pdbx_db_accession          1J4M 
_struct_ref.pdbx_db_isoform            ? 
_struct_ref.pdbx_seq_one_letter_code   ? 
_struct_ref.pdbx_align_begin           ? 
# 
_struct_ref_seq.align_id                      1 
_struct_ref_seq.ref_id                        1 
_struct_ref_seq.pdbx_PDB_id_code              1J4M 
_struct_ref_seq.pdbx_strand_id                A 
_struct_ref_seq.seq_align_beg                 1 
_struct_ref_seq.pdbx_seq_align_beg_ins_code   ? 
_struct_ref_seq.seq_align_end                 14 
_struct_ref_seq.pdbx_seq_align_end_ins_code   ? 
_struct_ref_seq.pdbx_db_accession             1J4M 
_struct_ref_seq.db_align_beg                  1 
_struct_ref_seq.pdbx_db_align_beg_ins_code    ? 
_struct_ref_seq.db_align_end                  14 
_struct_ref_seq.pdbx_db_align_end_ins_code    ? 
_struct_ref_seq.pdbx_auth_seq_align_beg       1 
_struct_ref_seq.pdbx_auth_seq_align_end       14 
# 
_pdbx_struct_assembly.id                   1 
_pdbx_struct_assembly.details              author_defined_assembly 
_pdbx_struct_assembly.method_details       ? 
_pdbx_struct_assembly.oligomeric_details   monomeric 
_pdbx_struct_assembly.oligomeric_count     1 
# 
_pdbx_struct_assembly_gen.assembly_id       1 
_pdbx_struct_assembly_gen.oper_expression   1 
_pdbx_struct_assembly_gen.asym_id_list      A 
# 
_pdbx_struct_oper_list.id                   1 
_pdbx_struct_oper_list.type                 'identity operation' 
_pdbx_struct_oper_list.name                 1_555 
_pdbx_struct_oper_list.symmetry_operation   x,y,z 
_pdbx_struct_oper_list.matrix[1][1]         1.0000000000 
_pdbx_struct_oper_list.matrix[1][2]         0.0000000000 
_pdbx_struct_oper_list.matrix[1][3]         0.0000000000 
_pdbx_struct_oper_list.vector[1]            0.0000000000 
_pdbx_struct_oper_list.matrix[2][1]         0.0000000000 
_pdbx_struct_oper_list.matrix[2][2]         1.0000000000 
_pdbx_struct_oper_list.matrix[2][3]         0.0000000000 
_pdbx_struct_oper_list.vector[2]            0.0000000000 
_pdbx_struct_oper_list.matrix[3][1]         0.0000000000 
_pdbx_struct_oper_list.matrix[3][2]         0.0000000000 
_pdbx_struct_oper_list.matrix[3][3]         1.0000000000 
_pdbx_struct_oper_list.vector[3]            0.0000000000 
# 
_struct_biol.id   1 
# 
_struct_sheet.id               A 
_struct_sheet.type             ? 
_struct_sheet.number_strands   2 
_struct_sheet.details          ? 
# 
_struct_sheet_order.sheet_id     A 
_struct_sheet_order.range_id_1   1 
_struct_sheet_order.range_id_2   2 
_struct_sheet_order.offset       ? 
_struct_sheet_order.sense        anti-parallel 
# 
loop_
_struct_sheet_range.sheet_id 
_struct_sheet_range.id 
_struct_sheet_range.beg_label_comp_id 
_struct_sheet_range.beg_label_asym_id 
_struct_sheet_range.beg_label_seq_id 
_struct_sheet_range.pdbx_beg_PDB_ins_code 
_struct_sheet_range.end_label_comp_id 
_struct_sheet_range.end_label_asym_id 
_struct_sheet_range.end_label_seq_id 
_struct_sheet_range.pdbx_end_PDB_ins_code 
_struct_sheet_range.beg_auth_comp_id 
_struct_sheet_range.beg_auth_asym_id 
_struct_sheet_range.beg_auth_seq_id 
_struct_sheet_range.end_auth_comp_id 
_struct_sheet_range.end_auth_asym_id 
_struct_sheet_range.end_auth_seq_id 
A 1 TRP A 4 ? TYR A 6  ? TRP A 4 TYR A 6  
A 2 ILE A 9 ? TYR A 11 ? ILE A 9 TYR A 11 
# 
_pdbx_struct_sheet_hbond.sheet_id                A 
_pdbx_struct_sheet_hbond.range_id_1              1 
_pdbx_struct_sheet_hbond.range_id_2              2 
_pdbx_struct_sheet_hbond.range_1_label_atom_id   N 
_pdbx_struct_sheet_hbond.range_1_label_comp_id   TRP 
_pdbx_struct_sheet_hbond.range_1_label_asym_id   A 
_pdbx_struct_sheet_hbond.range_1_label_seq_id    4 
_pdbx_struct_sheet_hbond.range_1_PDB_ins_code    ? 
_pdbx_struct_sheet_hbond.range_1_auth_atom_id    N 
_pdbx_struct_sheet_hbond.range_1_auth_comp_id    TRP 
_pdbx_struct_sheet_hbond.range_1_auth_asym_id    A 
_pdbx_struct_sheet_hbond.range_1_auth_seq_id     4 
_pdbx_struct_sheet_hbond.range_2_label_atom_id   O 
_pdbx_struct_sheet_hbond.range_2_label_comp_id   TYR 
_pdbx_struct_sheet_hbond.range_2_label_asym_id   A 
_pdbx_struct_sheet_hbond.range_2_label_seq_id    11 
_pdbx_struct_sheet_hbond.range_2_PDB_ins_code    ? 
_pdbx_struct_sheet_hbond.range_2_auth_atom_id    O 
_pdbx_struct_sheet_hbond.range_2_auth_comp_id    TYR 
_pdbx_struct_sheet_hbond.range_2_auth_asym_id    A 
_pdbx_struct_sheet_hbond.range_2_auth_seq_id     11 
# 
loop_
_pdbx_validate_close_contact.id 
_pdbx_validate_close_contact.PDB_model_num 
_pdbx_validate_close_contact.auth_atom_id_1 
_pdbx_validate_close_contact.auth_asym_id_1 
_pdbx_validate_close_contact.auth_comp_id_1 
_pdbx_validate_close_contact.auth_seq_id_1 
_pdbx_validate_close_contact.PDB_ins_code_1 
_pdbx_validate_close_contact.label_alt_id_1 
_pdbx_validate_close_contact.auth_atom_id_2 
_pdbx_validate_close_contact.auth_asym_id_2 
_pdbx_validate_close_contact.auth_comp_id_2 
_pdbx_validate_close_contact.auth_seq_id_2 
_pdbx_validate_close_contact.PDB_ins_code_2 
_pdbx_validate_close_contact.label_alt_id_2 
_pdbx_validate_close_contact.dist 
1 1 HA A ARG 1 ? ? H A GLY 2 ? ? 0.67 
2 1 HA A ARG 1 ? ? N A GLY 2 ? ? 1.36 
3 1 CA A ARG 1 ? ? H A GLY 2 ? ? 1.48 
4 1 CA A ARG 1 ? ? N A GLY 2 ? ? 1.55 
# 
loop_
_pdbx_validate_rmsd_bond.id 
_pdbx_validate_rmsd_bond.PDB_model_num 
_pdbx_validate_rmsd_bond.auth_atom_id_1 
_pdbx_validate_rmsd_bond.auth_asym_id_1 
_pdbx_validate_rmsd_bond.auth_comp_id_1 
_pdbx_validate_rmsd_bond.auth_seq_id_1 
_pdbx_validate_rmsd_bond.PDB_ins_code_1 
_pdbx_validate_rmsd_bond.label_alt_id_1 
_pdbx_validate_rmsd_bond.auth_atom_id_2 
_pdbx_validate_rmsd_bond.auth_asym_id_2 
_pdbx_validate_rmsd_bond.auth_comp_id_2 
_pdbx_validate_rmsd_bond.auth_seq_id_2 
_pdbx_validate_rmsd_bond.PDB_ins_code_2 
_pdbx_validate_rmsd_bond.label_alt_id_2 
_pdbx_validate_rmsd_bond.bond_value 
_pdbx_validate_rmsd_bond.bond_target_value 
_pdbx_validate_rmsd_bond.bond_deviation 
_pdbx_validate_rmsd_bond.bond_standard_deviation 
_pdbx_validate_rmsd_bond.linker_flag 
1  1 N   A ARG 1  ? ? CA  A ARG 1  ? ? 1.199 1.459 -0.260 0.020 N 
2  1 CA  A ARG 1  ? ? CB  A ARG 1  ? ? 1.331 1.535 -0.204 0.022 N 
3  1 CG  A ARG 1  ? ? CD  A ARG 1  ? ? 1.329 1.515 -0.186 0.025 N 
4  1 NE  A ARG 1  ? ? CZ  A ARG 1  ? ? 0.981 1.326 -0.345 0.013 N 
5  1 CZ  A ARG 1  ? ? NH1 A ARG 1  ? ? 0.772 1.326 -0.554 0.013 N 
6  1 CZ  A ARG 1  ? ? NH2 A ARG 1  ? ? 0.838 1.326 -0.488 0.013 N 
7  1 CA  A ARG 1  ? ? C   A ARG 1  ? ? 1.344 1.525 -0.181 0.026 N 
8  1 C   A ARG 1  ? ? N   A GLY 2  ? ? 1.180 1.336 -0.156 0.023 Y 
9  1 N   A GLY 2  ? ? CA  A GLY 2  ? ? 1.216 1.456 -0.240 0.015 N 
10 1 CA  A GLY 2  ? ? C   A GLY 2  ? ? 1.241 1.514 -0.273 0.016 N 
11 1 CE2 A TRP 4  ? ? CD2 A TRP 4  ? ? 1.330 1.409 -0.079 0.012 N 
12 1 CB  A TYR 6  ? ? CG  A TYR 6  ? ? 1.397 1.512 -0.115 0.015 N 
13 1 CG  A TYR 6  ? ? CD2 A TYR 6  ? ? 1.135 1.387 -0.252 0.013 N 
14 1 CG  A TYR 6  ? ? CD1 A TYR 6  ? ? 1.160 1.387 -0.227 0.013 N 
15 1 CD1 A TYR 6  ? ? CE1 A TYR 6  ? ? 1.246 1.389 -0.143 0.015 N 
16 1 CE1 A TYR 6  ? ? CZ  A TYR 6  ? ? 1.075 1.381 -0.306 0.013 N 
17 1 CZ  A TYR 6  ? ? OH  A TYR 6  ? ? 1.238 1.374 -0.136 0.017 N 
18 1 CZ  A TYR 6  ? ? CE2 A TYR 6  ? ? 1.158 1.381 -0.223 0.013 N 
19 1 CE2 A TYR 6  ? ? CD2 A TYR 6  ? ? 1.249 1.389 -0.140 0.015 N 
20 1 CG  A TYR 11 ? ? CD2 A TYR 11 ? ? 1.230 1.387 -0.157 0.013 N 
21 1 CG  A TYR 11 ? ? CD1 A TYR 11 ? ? 1.246 1.387 -0.141 0.013 N 
22 1 CE1 A TYR 11 ? ? CZ  A TYR 11 ? ? 1.228 1.381 -0.153 0.013 N 
23 1 CZ  A TYR 11 ? ? CE2 A TYR 11 ? ? 1.241 1.381 -0.140 0.013 N 
24 1 CG  A GLU 12 ? ? CD  A GLU 12 ? ? 1.408 1.515 -0.107 0.015 N 
25 1 CD  A GLU 12 ? ? OE1 A GLU 12 ? ? 1.160 1.252 -0.092 0.011 N 
26 1 CD  A GLU 12 ? ? OE2 A GLU 12 ? ? 1.050 1.252 -0.202 0.011 N 
27 1 NE  A ARG 14 ? ? CZ  A ARG 14 ? ? 1.093 1.326 -0.233 0.013 N 
28 1 CZ  A ARG 14 ? ? NH1 A ARG 14 ? ? 0.707 1.326 -0.619 0.013 N 
29 1 CZ  A ARG 14 ? ? NH2 A ARG 14 ? ? 0.813 1.326 -0.513 0.013 N 
# 
loop_
_pdbx_validate_rmsd_angle.id 
_pdbx_validate_rmsd_angle.PDB_model_num 
_pdbx_validate_rmsd_angle.auth_atom_id_1 
_pdbx_validate_rmsd_angle.auth_asym_id_1 
_pdbx_validate_rmsd_angle.auth_comp_id_1 
_pdbx_validate_rmsd_angle.auth_seq_id_1 
_pdbx_validate_rmsd_angle.PDB_ins_code_1 
_pdbx_validate_rmsd_angle.label_alt_id_1 
_pdbx_validate_rmsd_angle.auth_atom_id_2 
_pdbx_validate_rmsd_angle.auth_asym_id_2 
_pdbx_validate_rmsd_angle.auth_comp_id_2 
_pdbx_validate_rmsd_angle.auth_seq_id_2 
_pdbx_validate_rmsd_angle.PDB_ins_code_2 
_pdbx_validate_rmsd_angle.label_alt_id_2 
_pdbx_validate_rmsd_angle.auth_atom_id_3 
_pdbx_validate_rmsd_angle.auth_asym_id_3 
_pdbx_validate_rmsd_angle.auth_comp_id_3 
_pdbx_validate_rmsd_angle.auth_seq_id_3 
_pdbx_validate_rmsd_angle.PDB_ins_code_3 
_pdbx_validate_rmsd_angle.label_alt_id_3 
_pdbx_validate_rmsd_angle.angle_value 
_pdbx_validate_rmsd_angle.angle_target_value 
_pdbx_validate_rmsd_angle.angle_deviation 
_pdbx_validate_rmsd_angle.angle_standard_deviation 
_pdbx_validate_rmsd_angle.linker_flag 
1  1 CB  A ARG 1  ? ? CA  A ARG 1  ? ? C   A ARG 1  ? ? 143.16 110.40 32.76  2.00 N 
2  1 N   A ARG 1  ? ? CA  A ARG 1  ? ? CB  A ARG 1  ? ? 99.80  110.60 -10.80 1.80 N 
3  1 CA  A ARG 1  ? ? CB  A ARG 1  ? ? CG  A ARG 1  ? ? 94.29  113.40 -19.11 2.20 N 
4  1 CB  A ARG 1  ? ? CG  A ARG 1  ? ? CD  A ARG 1  ? ? 85.14  111.60 -26.46 2.60 N 
5  1 CG  A ARG 1  ? ? CD  A ARG 1  ? ? NE  A ARG 1  ? ? 83.44  111.80 -28.36 2.10 N 
6  1 NH1 A ARG 1  ? ? CZ  A ARG 1  ? ? NH2 A ARG 1  ? ? 70.93  119.40 -48.47 1.10 N 
7  1 NE  A ARG 1  ? ? CZ  A ARG 1  ? ? NH1 A ARG 1  ? ? 144.51 120.30 24.21  0.50 N 
8  1 NE  A ARG 1  ? ? CZ  A ARG 1  ? ? NH2 A ARG 1  ? ? 144.51 120.30 24.21  0.50 N 
9  1 CA  A ARG 1  ? ? C   A ARG 1  ? ? N   A GLY 2  ? ? 75.60  116.20 -40.60 2.00 Y 
10 1 O   A ARG 1  ? ? C   A ARG 1  ? ? N   A GLY 2  ? ? 139.64 123.20 16.44  1.70 Y 
11 1 CA  A GLY 2  ? ? C   A GLY 2  ? ? O   A GLY 2  ? ? 93.91  120.60 -26.69 1.80 N 
12 1 O   A GLY 2  ? ? C   A GLY 2  ? ? N   A LYS 3  ? ? 139.32 122.70 16.62  1.60 Y 
13 1 CB  A TRP 4  ? ? CG  A TRP 4  ? ? CD1 A TRP 4  ? ? 119.09 127.00 -7.91  1.30 N 
14 1 CD1 A TRP 4  ? ? NE1 A TRP 4  ? ? CE2 A TRP 4  ? ? 115.69 109.00 6.69   0.90 N 
15 1 CZ3 A TRP 4  ? ? CH2 A TRP 4  ? ? CZ2 A TRP 4  ? ? 111.49 121.60 -10.11 1.20 N 
16 1 CH2 A TRP 4  ? ? CZ2 A TRP 4  ? ? CE2 A TRP 4  ? ? 123.58 117.40 6.18   1.00 N 
17 1 N   A TYR 6  ? ? CA  A TYR 6  ? ? CB  A TYR 6  ? ? 97.82  110.60 -12.78 1.80 N 
18 1 CB  A TYR 6  ? ? CG  A TYR 6  ? ? CD2 A TYR 6  ? ? 126.53 121.00 5.53   0.60 N 
19 1 CD1 A TYR 6  ? ? CG  A TYR 6  ? ? CD2 A TYR 6  ? ? 82.55  117.90 -35.35 1.10 N 
20 1 CB  A TYR 6  ? ? CG  A TYR 6  ? ? CD1 A TYR 6  ? ? 150.51 121.00 29.51  0.60 N 
21 1 CG  A TYR 6  ? ? CD1 A TYR 6  ? ? CE1 A TYR 6  ? ? 146.80 121.30 25.50  0.80 N 
22 1 CG  A TYR 6  ? ? CD2 A TYR 6  ? ? CE2 A TYR 6  ? ? 131.93 121.30 10.63  0.80 N 
23 1 CD1 A TYR 6  ? ? CE1 A TYR 6  ? ? CZ  A TYR 6  ? ? 130.08 119.80 10.28  0.90 N 
24 1 OH  A TYR 6  ? ? CZ  A TYR 6  ? ? CE2 A TYR 6  ? ? 144.22 120.10 24.12  2.70 N 
25 1 CE1 A TYR 6  ? ? CZ  A TYR 6  ? ? CE2 A TYR 6  ? ? 87.22  119.80 -32.58 1.60 N 
26 1 CZ  A TYR 6  ? ? CE2 A TYR 6  ? ? CD2 A TYR 6  ? ? 141.42 119.80 21.62  0.90 N 
27 1 CB  A TYR 11 ? ? CG  A TYR 11 ? ? CD2 A TYR 11 ? ? 131.62 121.00 10.62  0.60 N 
28 1 CD1 A TYR 11 ? ? CG  A TYR 11 ? ? CD2 A TYR 11 ? ? 93.38  117.90 -24.52 1.10 N 
29 1 CB  A TYR 11 ? ? CG  A TYR 11 ? ? CD1 A TYR 11 ? ? 134.98 121.00 13.98  0.60 N 
30 1 CG  A TYR 11 ? ? CD1 A TYR 11 ? ? CE1 A TYR 11 ? ? 135.43 121.30 14.13  0.80 N 
31 1 CG  A TYR 11 ? ? CD2 A TYR 11 ? ? CE2 A TYR 11 ? ? 131.31 121.30 10.01  0.80 N 
32 1 CD1 A TYR 11 ? ? CE1 A TYR 11 ? ? CZ  A TYR 11 ? ? 130.84 119.80 11.04  0.90 N 
33 1 CE1 A TYR 11 ? ? CZ  A TYR 11 ? ? CE2 A TYR 11 ? ? 93.96  119.80 -25.84 1.60 N 
34 1 CZ  A TYR 11 ? ? CE2 A TYR 11 ? ? CD2 A TYR 11 ? ? 135.08 119.80 15.28  0.90 N 
35 1 CB  A GLU 12 ? ? CG  A GLU 12 ? ? CD  A GLU 12 ? ? 88.32  114.20 -25.88 2.70 N 
36 1 OE1 A GLU 12 ? ? CD  A GLU 12 ? ? OE2 A GLU 12 ? ? 107.32 123.30 -15.98 1.20 N 
37 1 CG  A GLU 12 ? ? CD  A GLU 12 ? ? OE1 A GLU 12 ? ? 144.36 118.30 26.06  2.00 N 
38 1 CG  A GLU 12 ? ? CD  A GLU 12 ? ? OE2 A GLU 12 ? ? 105.83 118.30 -12.47 2.00 N 
39 1 CB  A ARG 14 ? ? CA  A ARG 14 ? ? C   A ARG 14 ? ? 97.94  110.40 -12.46 2.00 N 
40 1 CA  A ARG 14 ? ? CB  A ARG 14 ? ? CG  A ARG 14 ? ? 75.70  113.40 -37.70 2.20 N 
41 1 CB  A ARG 14 ? ? CG  A ARG 14 ? ? CD  A ARG 14 ? ? 77.59  111.60 -34.01 2.60 N 
42 1 CG  A ARG 14 ? ? CD  A ARG 14 ? ? NE  A ARG 14 ? ? 74.18  111.80 -37.62 2.10 N 
43 1 NH1 A ARG 14 ? ? CZ  A ARG 14 ? ? NH2 A ARG 14 ? ? 93.48  119.40 -25.92 1.10 N 
44 1 NE  A ARG 14 ? ? CZ  A ARG 14 ? ? NH1 A ARG 14 ? ? 134.88 120.30 14.58  0.50 N 
45 1 NE  A ARG 14 ? ? CZ  A ARG 14 ? ? NH2 A ARG 14 ? ? 130.62 120.30 10.32  0.50 N 
# 
_pdbx_validate_peptide_omega.id               1 
_pdbx_validate_peptide_omega.PDB_model_num    1 
_pdbx_validate_peptide_omega.auth_comp_id_1   GLY 
_pdbx_validate_peptide_omega.auth_asym_id_1   A 
_pdbx_validate_peptide_omega.auth_seq_id_1    2 
_pdbx_validate_peptide_omega.PDB_ins_code_1   ? 
_pdbx_validate_peptide_omega.label_alt_id_1   ? 
_pdbx_validate_peptide_omega.auth_comp_id_2   LYS 
_pdbx_validate_peptide_omega.auth_asym_id_2   A 
_pdbx_validate_peptide_omega.auth_seq_id_2    3 
_pdbx_validate_peptide_omega.PDB_ins_code_2   ? 
_pdbx_validate_peptide_omega.label_alt_id_2   ? 
_pdbx_validate_peptide_omega.omega            149.56 
# 
_pdbx_validate_planes.id              1 
_pdbx_validate_planes.PDB_model_num   1 
_pdbx_validate_planes.auth_comp_id    ARG 
_pdbx_validate_planes.auth_asym_id    A 
_pdbx_validate_planes.auth_seq_id     1 
_pdbx_validate_planes.PDB_ins_code    ? 
_pdbx_validate_planes.label_alt_id    ? 
_pdbx_validate_planes.rmsd            0.222 
_pdbx_validate_planes.type            'SIDE CHAIN' 
# 
loop_
_pdbx_validate_main_chain_plane.id 
_pdbx_validate_main_chain_plane.PDB_model_num 
_pdbx_validate_main_chain_plane.auth_comp_id 
_pdbx_validate_main_chain_plane.auth_asym_id 
_pdbx_validate_main_chain_plane.auth_seq_id 
_pdbx_validate_main_chain_plane.PDB_ins_code 
_pdbx_validate_main_chain_plane.label_alt_id 
_pdbx_validate_main_chain_plane.improper_torsion_angle 
1 1 ARG A 1 ? ? -15.32 
2 1 GLY A 2 ? ? -18.87 
# 
_pdbx_validate_polymer_linkage.id               1 
_pdbx_validate_polymer_linkage.PDB_model_num    1 
_pdbx_validate_polymer_linkage.auth_atom_id_1   C 
_pdbx_validate_polymer_linkage.auth_asym_id_1   A 
_pdbx_validate_polymer_linkage.auth_comp_id_1   ARG 
_pdbx_validate_polymer_linkage.auth_seq_id_1    1 
_pdbx_validate_polymer_linkage.PDB_ins_code_1   ? 
_pdbx_validate_polymer_linkage.label_alt_id_1   ? 
_pdbx_validate_polymer_linkage.auth_atom_id_2   N 
_pdbx_validate_polymer_linkage.auth_asym_id_2   A 
_pdbx_validate_polymer_linkage.auth_comp_id_2   GLY 
_pdbx_validate_polymer_linkage.auth_seq_id_2    2 
_pdbx_validate_polymer_linkage.PDB_ins_code_2   ? 
_pdbx_validate_polymer_linkage.label_alt_id_2   ? 
_pdbx_validate_polymer_linkage.dist             1.18 
# 
_pdbx_nmr_ensemble.entry_id                             1J4M 
_pdbx_nmr_ensemble.conformers_calculated_total_number   ? 
_pdbx_nmr_ensemble.conformers_submitted_total_number    1 
_pdbx_nmr_ensemble.conformer_selection_criteria         ? 
# 
loop_
_pdbx_nmr_sample_details.solution_id 
_pdbx_nmr_sample_details.contents 
_pdbx_nmr_sample_details.solvent_system 
1 '1 mM Peptide MBH12' '90% H2O/10% D2O'    
2 '1 mM Peptide MBH12' '100% D2O'           
3 '1 mM Peptide MBH12' '40% CD3OD, 60% H2O' 
# 
_pdbx_nmr_exptl_sample_conditions.conditions_id       1 
_pdbx_nmr_exptl_sample_conditions.temperature         283 
_pdbx_nmr_exptl_sample_conditions.pressure            ambient 
_pdbx_nmr_exptl_sample_conditions.pH                  5.0 
_pdbx_nmr_exptl_sample_conditions.ionic_strength      0 
_pdbx_nmr_exptl_sample_conditions.pressure_units      ? 
_pdbx_nmr_exptl_sample_conditions.temperature_units   K 
# 
loop_
_pdbx_nmr_exptl.experiment_id 
_pdbx_nmr_exptl.solution_id 
_pdbx_nmr_exptl.conditions_id 
_pdbx_nmr_exptl.type 
1 1 1 '2D ROESY' 
2 2 1 '2D NOESY' 
3 3 1 '2D NOESY' 
# 
_pdbx_nmr_refine.entry_id           1J4M 
_pdbx_nmr_refine.method             'simulated annealing combined with torsion angle dynamics (DYANA)' 
_pdbx_nmr_refine.details            
;Energy minimisation of the mean structure was done with the
GROMOS96 implementation of Swiss-PdbViewer.
;
_pdbx_nmr_refine.software_ordinal   1 
# 
loop_
_pdbx_nmr_software.name 
_pdbx_nmr_software.version 
_pdbx_nmr_software.classification 
_pdbx_nmr_software.authors 
_pdbx_nmr_software.ordinal 
XwinNMR 2.6 collection           Bruker               1 
XwinNMR 2.6 'data analysis'      Bruker               2 
DYANA   1.5 'structure solution' 'Guntert, P. et al.' 3 
GROMOS  96  refinement           'van Gunsteren'      4 
# 
loop_
_chem_comp_atom.comp_id 
_chem_comp_atom.atom_id 
_chem_comp_atom.type_symbol 
_chem_comp_atom.pdbx_aromatic_flag 
_chem_comp_atom.pdbx_stereo_config 
_chem_comp_atom.pdbx_ordinal 
ARG N    N N N 1   
ARG CA   C N S 2   
ARG C    C N N 3   
ARG O    O N N 4   
ARG CB   C N N 5   
ARG CG   C N N 6   
ARG CD   C N N 7   
ARG NE   N N N 8   
ARG CZ   C N N 9   
ARG NH1  N N N 10  
ARG NH2  N N N 11  
ARG OXT  O N N 12  
ARG H    H N N 13  
ARG H2   H N N 14  
ARG HA   H N N 15  
ARG HB2  H N N 16  
ARG HB3  H N N 17  
ARG HG2  H N N 18  
ARG HG3  H N N 19  
ARG HD2  H N N 20  
ARG HD3  H N N 21  
ARG HE   H N N 22  
ARG HH11 H N N 23  
ARG HH12 H N N 24  
ARG HH21 H N N 25  
ARG HH22 H N N 26  
ARG HXT  H N N 27  
ASN N    N N N 28  
ASN CA   C N S 29  
ASN C    C N N 30  
ASN O    O N N 31  
ASN CB   C N N 32  
ASN CG   C N N 33  
ASN OD1  O N N 34  
ASN ND2  N N N 35  
ASN OXT  O N N 36  
ASN H    H N N 37  
ASN H2   H N N 38  
ASN HA   H N N 39  
ASN HB2  H N N 40  
ASN HB3  H N N 41  
ASN HD21 H N N 42  
ASN HD22 H N N 43  
ASN HXT  H N N 44  
GLU N    N N N 45  
GLU CA   C N S 46  
GLU C    C N N 47  
GLU O    O N N 48  
GLU CB   C N N 49  
GLU CG   C N N 50  
GLU CD   C N N 51  
GLU OE1  O N N 52  
GLU OE2  O N N 53  
GLU OXT  O N N 54  
GLU H    H N N 55  
GLU H2   H N N 56  
GLU HA   H N N 57  
GLU HB2  H N N 58  
GLU HB3  H N N 59  
GLU HG2  H N N 60  
GLU HG3  H N N 61  
GLU HE2  H N N 62  
GLU HXT  H N N 63  
GLY N    N N N 64  
GLY CA   C N N 65  
GLY C    C N N 66  
GLY O    O N N 67  
GLY OXT  O N N 68  
GLY H    H N N 69  
GLY H2   H N N 70  
GLY HA2  H N N 71  
GLY HA3  H N N 72  
GLY HXT  H N N 73  
ILE N    N N N 74  
ILE CA   C N S 75  
ILE C    C N N 76  
ILE O    O N N 77  
ILE CB   C N S 78  
ILE CG1  C N N 79  
ILE CG2  C N N 80  
ILE CD1  C N N 81  
ILE OXT  O N N 82  
ILE H    H N N 83  
ILE H2   H N N 84  
ILE HA   H N N 85  
ILE HB   H N N 86  
ILE HG12 H N N 87  
ILE HG13 H N N 88  
ILE HG21 H N N 89  
ILE HG22 H N N 90  
ILE HG23 H N N 91  
ILE HD11 H N N 92  
ILE HD12 H N N 93  
ILE HD13 H N N 94  
ILE HXT  H N N 95  
LYS N    N N N 96  
LYS CA   C N S 97  
LYS C    C N N 98  
LYS O    O N N 99  
LYS CB   C N N 100 
LYS CG   C N N 101 
LYS CD   C N N 102 
LYS CE   C N N 103 
LYS NZ   N N N 104 
LYS OXT  O N N 105 
LYS H    H N N 106 
LYS H2   H N N 107 
LYS HA   H N N 108 
LYS HB2  H N N 109 
LYS HB3  H N N 110 
LYS HG2  H N N 111 
LYS HG3  H N N 112 
LYS HD2  H N N 113 
LYS HD3  H N N 114 
LYS HE2  H N N 115 
LYS HE3  H N N 116 
LYS HZ1  H N N 117 
LYS HZ2  H N N 118 
LYS HZ3  H N N 119 
LYS HXT  H N N 120 
THR N    N N N 121 
THR CA   C N S 122 
THR C    C N N 123 
THR O    O N N 124 
THR CB   C N R 125 
THR OG1  O N N 126 
THR CG2  C N N 127 
THR OXT  O N N 128 
THR H    H N N 129 
THR H2   H N N 130 
THR HA   H N N 131 
THR HB   H N N 132 
THR HG1  H N N 133 
THR HG21 H N N 134 
THR HG22 H N N 135 
THR HG23 H N N 136 
THR HXT  H N N 137 
TRP N    N N N 138 
TRP CA   C N S 139 
TRP C    C N N 140 
TRP O    O N N 141 
TRP CB   C N N 142 
TRP CG   C Y N 143 
TRP CD1  C Y N 144 
TRP CD2  C Y N 145 
TRP NE1  N Y N 146 
TRP CE2  C Y N 147 
TRP CE3  C Y N 148 
TRP CZ2  C Y N 149 
TRP CZ3  C Y N 150 
TRP CH2  C Y N 151 
TRP OXT  O N N 152 
TRP H    H N N 153 
TRP H2   H N N 154 
TRP HA   H N N 155 
TRP HB2  H N N 156 
TRP HB3  H N N 157 
TRP HD1  H N N 158 
TRP HE1  H N N 159 
TRP HE3  H N N 160 
TRP HZ2  H N N 161 
TRP HZ3  H N N 162 
TRP HH2  H N N 163 
TRP HXT  H N N 164 
TYR N    N N N 165 
TYR CA   C N S 166 
TYR C    C N N 167 
TYR O    O N N 168 
TYR CB   C N N 169 
TYR CG   C Y N 170 
TYR CD1  C Y N 171 
TYR CD2  C Y N 172 
TYR CE1  C Y N 173 
TYR CE2  C Y N 174 
TYR CZ   C Y N 175 
TYR OH   O N N 176 
TYR OXT  O N N 177 
TYR H    H N N 178 
TYR H2   H N N 179 
TYR HA   H N N 180 
TYR HB2  H N N 181 
TYR HB3  H N N 182 
TYR HD1  H N N 183 
TYR HD2  H N N 184 
TYR HE1  H N N 185 
TYR HE2  H N N 186 
TYR HH   H N N 187 
TYR HXT  H N N 188 
# 
loop_
_chem_comp_bond.comp_id 
_chem_comp_bond.atom_id_1 
_chem_comp_bond.atom_id_2 
_chem_comp_bond.value_order 
_chem_comp_bond.pdbx_aromatic_flag 
_chem_comp_bond.pdbx_stereo_config 
_chem_comp_bond.pdbx_ordinal 
ARG N   CA   sing N N 1   
ARG N   H    sing N N 2   
ARG N   H2   sing N N 3   
ARG CA  C    sing N N 4   
ARG CA  CB   sing N N 5   
ARG CA  HA   sing N N 6   
ARG C   O    doub N N 7   
ARG C   OXT  sing N N 8   
ARG CB  CG   sing N N 9   
ARG CB  HB2  sing N N 10  
ARG CB  HB3  sing N N 11  
ARG CG  CD   sing N N 12  
ARG CG  HG2  sing N N 13  
ARG CG  HG3  sing N N 14  
ARG CD  NE   sing N N 15  
ARG CD  HD2  sing N N 16  
ARG CD  HD3  sing N N 17  
ARG NE  CZ   sing N N 18  
ARG NE  HE   sing N N 19  
ARG CZ  NH1  sing N N 20  
ARG CZ  NH2  doub N N 21  
ARG NH1 HH11 sing N N 22  
ARG NH1 HH12 sing N N 23  
ARG NH2 HH21 sing N N 24  
ARG NH2 HH22 sing N N 25  
ARG OXT HXT  sing N N 26  
ASN N   CA   sing N N 27  
ASN N   H    sing N N 28  
ASN N   H2   sing N N 29  
ASN CA  C    sing N N 30  
ASN CA  CB   sing N N 31  
ASN CA  HA   sing N N 32  
ASN C   O    doub N N 33  
ASN C   OXT  sing N N 34  
ASN CB  CG   sing N N 35  
ASN CB  HB2  sing N N 36  
ASN CB  HB3  sing N N 37  
ASN CG  OD1  doub N N 38  
ASN CG  ND2  sing N N 39  
ASN ND2 HD21 sing N N 40  
ASN ND2 HD22 sing N N 41  
ASN OXT HXT  sing N N 42  
GLU N   CA   sing N N 43  
GLU N   H    sing N N 44  
GLU N   H2   sing N N 45  
GLU CA  C    sing N N 46  
GLU CA  CB   sing N N 47  
GLU CA  HA   sing N N 48  
GLU C   O    doub N N 49  
GLU C   OXT  sing N N 50  
GLU CB  CG   sing N N 51  
GLU CB  HB2  sing N N 52  
GLU CB  HB3  sing N N 53  
GLU CG  CD   sing N N 54  
GLU CG  HG2  sing N N 55  
GLU CG  HG3  sing N N 56  
GLU CD  OE1  doub N N 57  
GLU CD  OE2  sing N N 58  
GLU OE2 HE2  sing N N 59  
GLU OXT HXT  sing N N 60  
GLY N   CA   sing N N 61  
GLY N   H    sing N N 62  
GLY N   H2   sing N N 63  
GLY CA  C    sing N N 64  
GLY CA  HA2  sing N N 65  
GLY CA  HA3  sing N N 66  
GLY C   O    doub N N 67  
GLY C   OXT  sing N N 68  
GLY OXT HXT  sing N N 69  
ILE N   CA   sing N N 70  
ILE N   H    sing N N 71  
ILE N   H2   sing N N 72  
ILE CA  C    sing N N 73  
ILE CA  CB   sing N N 74  
ILE CA  HA   sing N N 75  
ILE C   O    doub N N 76  
ILE C   OXT  sing N N 77  
ILE CB  CG1  sing N N 78  
ILE CB  CG2  sing N N 79  
ILE CB  HB   sing N N 80  
ILE CG1 CD1  sing N N 81  
ILE CG1 HG12 sing N N 82  
ILE CG1 HG13 sing N N 83  
ILE CG2 HG21 sing N N 84  
ILE CG2 HG22 sing N N 85  
ILE CG2 HG23 sing N N 86  
ILE CD1 HD11 sing N N 87  
ILE CD1 HD12 sing N N 88  
ILE CD1 HD13 sing N N 89  
ILE OXT HXT  sing N N 90  
LYS N   CA   sing N N 91  
LYS N   H    sing N N 92  
LYS N   H2   sing N N 93  
LYS CA  C    sing N N 94  
LYS CA  CB   sing N N 95  
LYS CA  HA   sing N N 96  
LYS C   O    doub N N 97  
LYS C   OXT  sing N N 98  
LYS CB  CG   sing N N 99  
LYS CB  HB2  sing N N 100 
LYS CB  HB3  sing N N 101 
LYS CG  CD   sing N N 102 
LYS CG  HG2  sing N N 103 
LYS CG  HG3  sing N N 104 
LYS CD  CE   sing N N 105 
LYS CD  HD2  sing N N 106 
LYS CD  HD3  sing N N 107 
LYS CE  NZ   sing N N 108 
LYS CE  HE2  sing N N 109 
LYS CE  HE3  sing N N 110 
LYS NZ  HZ1  sing N N 111 
LYS NZ  HZ2  sing N N 112 
LYS NZ  HZ3  sing N N 113 
LYS OXT HXT  sing N N 114 
THR N   CA   sing N N 115 
THR N   H    sing N N 116 
THR N   H2   sing N N 117 
THR CA  C    sing N N 118 
THR CA  CB   sing N N 119 
THR CA  HA   sing N N 120 
THR C   O    doub N N 121 
THR C   OXT  sing N N 122 
THR CB  OG1  sing N N 123 
THR CB  CG2  sing N N 124 
THR CB  HB   sing N N 125 
THR OG1 HG1  sing N N 126 
THR CG2 HG21 sing N N 127 
THR CG2 HG22 sing N N 128 
THR CG2 HG23 sing N N 129 
THR OXT HXT  sing N N 130 
TRP N   CA   sing N N 131 
TRP N   H    sing N N 132 
TRP N   H2   sing N N 133 
TRP CA  C    sing N N 134 
TRP CA  CB   sing N N 135 
TRP CA  HA   sing N N 136 
TRP C   O    doub N N 137 
TRP C   OXT  sing N N 138 
TRP CB  CG   sing N N 139 
TRP CB  HB2  sing N N 140 
TRP CB  HB3  sing N N 141 
TRP CG  CD1  doub Y N 142 
TRP CG  CD2  sing Y N 143 
TRP CD1 NE1  sing Y N 144 
TRP CD1 HD1  sing N N 145 
TRP CD2 CE2  doub Y N 146 
TRP CD2 CE3  sing Y N 147 
TRP NE1 CE2  sing Y N 148 
TRP NE1 HE1  sing N N 149 
TRP CE2 CZ2  sing Y N 150 
TRP CE3 CZ3  doub Y N 151 
TRP CE3 HE3  sing N N 152 
TRP CZ2 CH2  doub Y N 153 
TRP CZ2 HZ2  sing N N 154 
TRP CZ3 CH2  sing Y N 155 
TRP CZ3 HZ3  sing N N 156 
TRP CH2 HH2  sing N N 157 
TRP OXT HXT  sing N N 158 
TYR N   CA   sing N N 159 
TYR N   H    sing N N 160 
TYR N   H2   sing N N 161 
TYR CA  C    sing N N 162 
TYR CA  CB   sing N N 163 
TYR CA  HA   sing N N 164 
TYR C   O    doub N N 165 
TYR C   OXT  sing N N 166 
TYR CB  CG   sing N N 167 
TYR CB  HB2  sing N N 168 
TYR CB  HB3  sing N N 169 
TYR CG  CD1  doub Y N 170 
TYR CG  CD2  sing Y N 171 
TYR CD1 CE1  sing Y N 172 
TYR CD1 HD1  sing N N 173 
TYR CD2 CE2  doub Y N 174 
TYR CD2 HD2  sing N N 175 
TYR CE1 CZ   doub Y N 176 
TYR CE1 HE1  sing N N 177 
TYR CE2 CZ   sing Y N 178 
TYR CE2 HE2  sing N N 179 
TYR CZ  OH   sing N N 180 
TYR OH  HH   sing N N 181 
TYR OXT HXT  sing N N 182 
# 
_pdbx_nmr_spectrometer.spectrometer_id   1 
_pdbx_nmr_spectrometer.type              ? 
_pdbx_nmr_spectrometer.manufacturer      Bruker 
_pdbx_nmr_spectrometer.model             DRX 
_pdbx_nmr_spectrometer.field_strength    500 
# 
_atom_sites.entry_id                    1J4M 
_atom_sites.fract_transf_matrix[1][1]   1.000000 
_atom_sites.fract_transf_matrix[1][2]   0.000000 
_atom_sites.fract_transf_matrix[1][3]   0.000000 
_atom_sites.fract_transf_matrix[2][1]   0.000000 
_atom_sites.fract_transf_matrix[2][2]   1.000000 
_atom_sites.fract_transf_matrix[2][3]   0.000000 
_atom_sites.fract_transf_matrix[3][1]   0.000000 
_atom_sites.fract_transf_matrix[3][2]   0.000000 
_atom_sites.fract_transf_matrix[3][3]   1.000000 
_atom_sites.fract_transf_vector[1]      0.00000 
_atom_sites.fract_transf_vector[2]      0.00000 
_atom_sites.fract_transf_vector[3]      0.00000 
# 
loop_
_atom_type.symbol 
C 
H 
N 
O 
# 
loop_
_atom_site.group_PDB 
_atom_site.id 
_atom_site.type_symbol 
_atom_site.label_atom_id 
_atom_site.label_alt_id 
_atom_site.label_comp_id 
_atom_site.label_asym_id 
_atom_site.label_entity_id 
_atom_site.label_seq_id 
_atom_site.pdbx_PDB_ins_code 
_atom_site.Cartn_x 
_atom_site.Cartn_y 
_atom_site.Cartn_z 
_atom_site.occupancy 
_atom_site.B_iso_or_equiv 
_atom_site.pdbx_formal_charge 
_atom_site.auth_seq_id 
_atom_site.auth_comp_id 
_atom_site.auth_asym_id 
_atom_site.auth_atom_id 
_atom_site.pdbx_PDB_model_num 
ATOM 1   N N    . ARG A 1 1  ? -7.744  -2.859  4.246  1.00 0.00 ? 1  ARG A N    1 
ATOM 2   C CA   . ARG A 1 1  ? -7.028  -3.675  3.737  1.00 0.00 ? 1  ARG A CA   1 
ATOM 3   C C    . ARG A 1 1  ? -7.404  -3.530  2.455  1.00 0.00 ? 1  ARG A C    1 
ATOM 4   O O    . ARG A 1 1  ? -8.262  -4.074  1.897  1.00 0.00 ? 1  ARG A O    1 
ATOM 5   C CB   . ARG A 1 1  ? -6.948  -4.557  4.731  1.00 0.00 ? 1  ARG A CB   1 
ATOM 6   C CG   . ARG A 1 1  ? -7.481  -5.728  3.888  1.00 0.00 ? 1  ARG A CG   1 
ATOM 7   C CD   . ARG A 1 1  ? -7.939  -6.201  5.042  1.00 0.00 ? 1  ARG A CD   1 
ATOM 8   N NE   . ARG A 1 1  ? -9.168  -5.377  4.692  1.00 0.00 ? 1  ARG A NE   1 
ATOM 9   C CZ   . ARG A 1 1  ? -10.075 -5.440  5.061  1.00 0.00 ? 1  ARG A CZ   1 
ATOM 10  N NH1  . ARG A 1 1  ? -10.694 -5.895  5.132  1.00 0.00 ? 1  ARG A NH1  1 
ATOM 11  N NH2  . ARG A 1 1  ? -10.650 -5.048  5.527  1.00 0.00 ? 1  ARG A NH2  1 
ATOM 12  H H1   . ARG A 1 1  ? -7.546  -1.944  3.855  1.00 0.00 ? 1  ARG A H1   1 
ATOM 13  H H2   . ARG A 1 1  ? -8.712  -3.100  4.067  1.00 0.00 ? 1  ARG A H2   1 
ATOM 14  H H3   . ARG A 1 1  ? -7.580  -2.842  5.247  1.00 0.00 ? 1  ARG A H3   1 
ATOM 15  H HA   . ARG A 1 1  ? -6.069  -3.199  3.761  1.00 0.00 ? 1  ARG A HA   1 
ATOM 16  H HB2  . ARG A 1 1  ? -5.944  -4.709  5.078  1.00 0.00 ? 1  ARG A HB2  1 
ATOM 17  H HB3  . ARG A 1 1  ? -7.580  -4.313  5.563  1.00 0.00 ? 1  ARG A HB3  1 
ATOM 18  H HG2  . ARG A 1 1  ? -8.234  -5.468  3.170  1.00 0.00 ? 1  ARG A HG2  1 
ATOM 19  H HG3  . ARG A 1 1  ? -6.728  -6.329  3.416  1.00 0.00 ? 1  ARG A HG3  1 
ATOM 20  H HD2  . ARG A 1 1  ? -8.090  -7.263  5.079  1.00 0.00 ? 1  ARG A HD2  1 
ATOM 21  H HD3  . ARG A 1 1  ? -7.404  -5.886  5.917  1.00 0.00 ? 1  ARG A HD3  1 
ATOM 22  H HE   . ARG A 1 1  ? -9.032  -4.669  3.984  1.00 0.00 ? 1  ARG A HE   1 
ATOM 23  H HH11 . ARG A 1 1  ? -10.699 -6.810  4.706  1.00 0.00 ? 1  ARG A HH11 1 
ATOM 24  H HH12 . ARG A 1 1  ? -11.499 -5.575  5.652  1.00 0.00 ? 1  ARG A HH12 1 
ATOM 25  H HH21 . ARG A 1 1  ? -10.456 -4.131  5.904  1.00 0.00 ? 1  ARG A HH21 1 
ATOM 26  H HH22 . ARG A 1 1  ? -11.539 -5.491  5.710  1.00 0.00 ? 1  ARG A HH22 1 
ATOM 27  N N    . GLY A 1 2  ? -6.227  -3.442  2.428  1.00 0.00 ? 2  GLY A N    1 
ATOM 28  C CA   . GLY A 1 2  ? -5.756  -3.429  1.307  1.00 0.00 ? 2  GLY A CA   1 
ATOM 29  C C    . GLY A 1 2  ? -5.365  -2.318  0.916  1.00 0.00 ? 2  GLY A C    1 
ATOM 30  O O    . GLY A 1 2  ? -5.364  -2.628  -0.220 1.00 0.00 ? 2  GLY A O    1 
ATOM 31  H H    . GLY A 1 2  ? -5.661  -3.382  3.262  1.00 0.00 ? 2  GLY A H    1 
ATOM 32  H HA2  . GLY A 1 2  ? -4.921  -4.101  1.289  1.00 0.00 ? 2  GLY A HA2  1 
ATOM 33  H HA3  . GLY A 1 2  ? -6.509  -3.776  0.626  1.00 0.00 ? 2  GLY A HA3  1 
ATOM 34  N N    . LYS A 1 3  ? -4.662  -1.630  1.735  1.00 0.00 ? 3  LYS A N    1 
ATOM 35  C CA   . LYS A 1 3  ? -3.750  -0.815  1.019  1.00 0.00 ? 3  LYS A CA   1 
ATOM 36  C C    . LYS A 1 3  ? -2.696  -0.379  1.979  1.00 0.00 ? 3  LYS A C    1 
ATOM 37  O O    . LYS A 1 3  ? -2.979  -0.027  3.118  1.00 0.00 ? 3  LYS A O    1 
ATOM 38  C CB   . LYS A 1 3  ? -4.554  0.352   0.541  1.00 0.00 ? 3  LYS A CB   1 
ATOM 39  C CG   . LYS A 1 3  ? -4.179  0.513   -0.883 1.00 0.00 ? 3  LYS A CG   1 
ATOM 40  C CD   . LYS A 1 3  ? -4.561  1.915   -1.147 1.00 0.00 ? 3  LYS A CD   1 
ATOM 41  C CE   . LYS A 1 3  ? -5.767  1.793   -1.958 1.00 0.00 ? 3  LYS A CE   1 
ATOM 42  N NZ   . LYS A 1 3  ? -6.450  3.007   -1.989 1.00 0.00 ? 3  LYS A NZ   1 
ATOM 43  H H    . LYS A 1 3  ? -4.745  -1.663  2.741  1.00 0.00 ? 3  LYS A H    1 
ATOM 44  H HA   . LYS A 1 3  ? -3.322  -1.349  0.196  1.00 0.00 ? 3  LYS A HA   1 
ATOM 45  H HB2  . LYS A 1 3  ? -5.604  0.152   0.634  1.00 0.00 ? 3  LYS A HB2  1 
ATOM 46  H HB3  . LYS A 1 3  ? -4.309  1.235   1.099  1.00 0.00 ? 3  LYS A HB3  1 
ATOM 47  H HG2  . LYS A 1 3  ? -3.126  0.363   -1.028 1.00 0.00 ? 3  LYS A HG2  1 
ATOM 48  H HG3  . LYS A 1 3  ? -4.726  -0.165  -1.510 1.00 0.00 ? 3  LYS A HG3  1 
ATOM 49  H HD2  . LYS A 1 3  ? -4.767  2.435   -0.231 1.00 0.00 ? 3  LYS A HD2  1 
ATOM 50  H HD3  . LYS A 1 3  ? -3.788  2.429   -1.684 1.00 0.00 ? 3  LYS A HD3  1 
ATOM 51  H HE2  . LYS A 1 3  ? -5.494  1.513   -2.958 1.00 0.00 ? 3  LYS A HE2  1 
ATOM 52  H HE3  . LYS A 1 3  ? -6.403  1.038   -1.537 1.00 0.00 ? 3  LYS A HE3  1 
ATOM 53  H HZ1  . LYS A 1 3  ? -6.709  3.272   -1.045 1.00 0.00 ? 3  LYS A HZ1  1 
ATOM 54  H HZ2  . LYS A 1 3  ? -5.851  3.722   -2.387 1.00 0.00 ? 3  LYS A HZ2  1 
ATOM 55  H HZ3  . LYS A 1 3  ? -7.285  2.911   -2.555 1.00 0.00 ? 3  LYS A HZ3  1 
ATOM 56  N N    . TRP A 1 4  ? -1.486  -0.474  1.498  1.00 0.00 ? 4  TRP A N    1 
ATOM 57  C CA   . TRP A 1 4  ? -0.336  -0.081  2.309  1.00 0.00 ? 4  TRP A CA   1 
ATOM 58  C C    . TRP A 1 4  ? 0.543   0.824   1.505  1.00 0.00 ? 4  TRP A C    1 
ATOM 59  O O    . TRP A 1 4  ? 0.861   0.564   0.366  1.00 0.00 ? 4  TRP A O    1 
ATOM 60  C CB   . TRP A 1 4  ? 0.504   -1.230  2.855  1.00 0.00 ? 4  TRP A CB   1 
ATOM 61  C CG   . TRP A 1 4  ? 0.333   -2.487  2.077  1.00 0.00 ? 4  TRP A CG   1 
ATOM 62  C CD1  . TRP A 1 4  ? -0.799  -3.086  2.101  1.00 0.00 ? 4  TRP A CD1  1 
ATOM 63  C CD2  . TRP A 1 4  ? 1.190   -3.258  1.355  1.00 0.00 ? 4  TRP A CD2  1 
ATOM 64  N NE1  . TRP A 1 4  ? -0.637  -4.153  1.368  1.00 0.00 ? 4  TRP A NE1  1 
ATOM 65  C CE2  . TRP A 1 4  ? 0.551   -4.322  0.879  1.00 0.00 ? 4  TRP A CE2  1 
ATOM 66  C CE3  . TRP A 1 4  ? 2.472   -3.211  1.026  1.00 0.00 ? 4  TRP A CE3  1 
ATOM 67  C CZ2  . TRP A 1 4  ? 1.154   -5.280  0.099  1.00 0.00 ? 4  TRP A CZ2  1 
ATOM 68  C CZ3  . TRP A 1 4  ? 3.069   -4.147  0.226  1.00 0.00 ? 4  TRP A CZ3  1 
ATOM 69  C CH2  . TRP A 1 4  ? 2.457   -5.239  -0.262 1.00 0.00 ? 4  TRP A CH2  1 
ATOM 70  H H    . TRP A 1 4  ? -1.344  -0.821  0.560  1.00 0.00 ? 4  TRP A H    1 
ATOM 71  H HA   . TRP A 1 4  ? -0.703  0.479   3.144  1.00 0.00 ? 4  TRP A HA   1 
ATOM 72  H HB2  . TRP A 1 4  ? 1.539   -0.945  2.824  1.00 0.00 ? 4  TRP A HB2  1 
ATOM 73  H HB3  . TRP A 1 4  ? 0.215   -1.414  3.873  1.00 0.00 ? 4  TRP A HB3  1 
ATOM 74  H HD1  . TRP A 1 4  ? -1.699  -2.774  2.619  1.00 0.00 ? 4  TRP A HD1  1 
ATOM 75  H HE1  . TRP A 1 4  ? -1.388  -4.804  1.193  1.00 0.00 ? 4  TRP A HE1  1 
ATOM 76  H HE3  . TRP A 1 4  ? 3.076   -2.395  1.408  1.00 0.00 ? 4  TRP A HE3  1 
ATOM 77  H HZ2  . TRP A 1 4  ? 0.553   -6.114  -0.246 1.00 0.00 ? 4  TRP A HZ2  1 
ATOM 78  H HZ3  . TRP A 1 4  ? 4.111   -3.996  -0.033 1.00 0.00 ? 4  TRP A HZ3  1 
ATOM 79  H HH2  . TRP A 1 4  ? 2.946   -5.992  -0.869 1.00 0.00 ? 4  TRP A HH2  1 
ATOM 80  N N    . THR A 1 5  ? 0.986   1.858   2.155  1.00 0.00 ? 5  THR A N    1 
ATOM 81  C CA   . THR A 1 5  ? 1.745   2.906   1.460  1.00 0.00 ? 5  THR A CA   1 
ATOM 82  C C    . THR A 1 5  ? 2.927   3.262   2.321  1.00 0.00 ? 5  THR A C    1 
ATOM 83  O O    . THR A 1 5  ? 2.808   3.590   3.500  1.00 0.00 ? 5  THR A O    1 
ATOM 84  C CB   . THR A 1 5  ? 0.898   4.150   1.265  1.00 0.00 ? 5  THR A CB   1 
ATOM 85  O OG1  . THR A 1 5  ? -0.336  3.892   1.902  1.00 0.00 ? 5  THR A OG1  1 
ATOM 86  C CG2  . THR A 1 5  ? 0.465   4.335   -0.151 1.00 0.00 ? 5  THR A CG2  1 
ATOM 87  H H    . THR A 1 5  ? 0.808   1.942   3.145  1.00 0.00 ? 5  THR A H    1 
ATOM 88  H HA   . THR A 1 5  ? 2.082   2.542   0.512  1.00 0.00 ? 5  THR A HA   1 
ATOM 89  H HB   . THR A 1 5  ? 1.374   5.025   1.655  1.00 0.00 ? 5  THR A HB   1 
ATOM 90  H HG1  . THR A 1 5  ? -0.911  4.654   1.806  1.00 0.00 ? 5  THR A HG1  1 
ATOM 91  H HG21 . THR A 1 5  ? 1.352   4.426   -0.797 1.00 0.00 ? 5  THR A HG21 1 
ATOM 92  H HG22 . THR A 1 5  ? -0.133  3.466   -0.469 1.00 0.00 ? 5  THR A HG22 1 
ATOM 93  H HG23 . THR A 1 5  ? -0.143  5.249   -0.233 1.00 0.00 ? 5  THR A HG23 1 
ATOM 94  N N    . TYR A 1 6  ? 4.073   3.145   1.691  1.00 0.00 ? 6  TYR A N    1 
ATOM 95  C CA   . TYR A 1 6  ? 5.295   3.425   2.408  1.00 0.00 ? 6  TYR A CA   1 
ATOM 96  C C    . TYR A 1 6  ? 6.324   4.024   1.488  1.00 0.00 ? 6  TYR A C    1 
ATOM 97  O O    . TYR A 1 6  ? 6.626   3.458   0.437  1.00 0.00 ? 6  TYR A O    1 
ATOM 98  C CB   . TYR A 1 6  ? 5.563   2.041   2.900  1.00 0.00 ? 6  TYR A CB   1 
ATOM 99  C CG   . TYR A 1 6  ? 6.938   1.802   2.832  1.00 0.00 ? 6  TYR A CG   1 
ATOM 100 C CD1  . TYR A 1 6  ? 8.001   1.882   3.290  1.00 0.00 ? 6  TYR A CD1  1 
ATOM 101 C CD2  . TYR A 1 6  ? 7.472   1.140   2.082  1.00 0.00 ? 6  TYR A CD2  1 
ATOM 102 C CE1  . TYR A 1 6  ? 9.198   1.546   3.211  1.00 0.00 ? 6  TYR A CE1  1 
ATOM 103 C CE2  . TYR A 1 6  ? 8.666   0.789   1.979  1.00 0.00 ? 6  TYR A CE2  1 
ATOM 104 C CZ   . TYR A 1 6  ? 9.695   0.919   2.494  1.00 0.00 ? 6  TYR A CZ   1 
ATOM 105 O OH   . TYR A 1 6  ? 10.889  0.594   2.449  1.00 0.00 ? 6  TYR A OH   1 
ATOM 106 H H    . TYR A 1 6  ? 4.100   2.863   0.721  1.00 0.00 ? 6  TYR A H    1 
ATOM 107 H HA   . TYR A 1 6  ? 5.102   4.082   3.230  1.00 0.00 ? 6  TYR A HA   1 
ATOM 108 H HB2  . TYR A 1 6  ? 5.230   1.949   3.916  1.00 0.00 ? 6  TYR A HB2  1 
ATOM 109 H HB3  . TYR A 1 6  ? 5.042   1.332   2.287  1.00 0.00 ? 6  TYR A HB3  1 
ATOM 110 H HD1  . TYR A 1 6  ? 7.917   2.526   4.158  1.00 0.00 ? 6  TYR A HD1  1 
ATOM 111 H HD2  . TYR A 1 6  ? 6.825   0.735   1.311  1.00 0.00 ? 6  TYR A HD2  1 
ATOM 112 H HE1  . TYR A 1 6  ? 9.839   1.950   3.987  1.00 0.00 ? 6  TYR A HE1  1 
ATOM 113 H HE2  . TYR A 1 6  ? 8.777   0.146   1.114  1.00 0.00 ? 6  TYR A HE2  1 
ATOM 114 H HH   . TYR A 1 6  ? 11.037  0.023   1.691  1.00 0.00 ? 6  TYR A HH   1 
ATOM 115 N N    . ASN A 1 7  ? 6.886   5.108   1.996  1.00 0.00 ? 7  ASN A N    1 
ATOM 116 C CA   . ASN A 1 7  ? 7.882   5.852   1.239  1.00 0.00 ? 7  ASN A CA   1 
ATOM 117 C C    . ASN A 1 7  ? 7.252   6.467   -0.003 1.00 0.00 ? 7  ASN A C    1 
ATOM 118 O O    . ASN A 1 7  ? 7.943   6.863   -0.934 1.00 0.00 ? 7  ASN A O    1 
ATOM 119 C CB   . ASN A 1 7  ? 8.943   4.856   0.782  1.00 0.00 ? 7  ASN A CB   1 
ATOM 120 C CG   . ASN A 1 7  ? 10.233  5.575   0.855  1.00 0.00 ? 7  ASN A CG   1 
ATOM 121 O OD1  . ASN A 1 7  ? 10.410  6.626   1.393  1.00 0.00 ? 7  ASN A OD1  1 
ATOM 122 N ND2  . ASN A 1 7  ? 11.267  5.097   0.377  1.00 0.00 ? 7  ASN A ND2  1 
ATOM 123 H H    . ASN A 1 7  ? 6.622   5.423   2.919  1.00 0.00 ? 7  ASN A H    1 
ATOM 124 H HA   . ASN A 1 7  ? 8.323   6.612   1.849  1.00 0.00 ? 7  ASN A HA   1 
ATOM 125 H HB2  . ASN A 1 7  ? 8.955   4.000   1.431  1.00 0.00 ? 7  ASN A HB2  1 
ATOM 126 H HB3  . ASN A 1 7  ? 8.748   4.539   -0.224 1.00 0.00 ? 7  ASN A HB3  1 
ATOM 127 H HD21 . ASN A 1 7  ? 11.241  4.201   -0.089 1.00 0.00 ? 7  ASN A HD21 1 
ATOM 128 H HD22 . ASN A 1 7  ? 12.139  5.602   0.451  1.00 0.00 ? 7  ASN A HD22 1 
ATOM 129 N N    . GLY A 1 8  ? 5.920   6.496   0.023  1.00 0.00 ? 8  GLY A N    1 
ATOM 130 C CA   . GLY A 1 8  ? 5.154   7.050   -1.093 1.00 0.00 ? 8  GLY A CA   1 
ATOM 131 C C    . GLY A 1 8  ? 4.793   5.955   -2.088 1.00 0.00 ? 8  GLY A C    1 
ATOM 132 O O    . GLY A 1 8  ? 4.139   6.216   -3.089 1.00 0.00 ? 8  GLY A O    1 
ATOM 133 H H    . GLY A 1 8  ? 5.432   6.130   0.827  1.00 0.00 ? 8  GLY A H    1 
ATOM 134 H HA2  . GLY A 1 8  ? 4.254   7.496   -0.717 1.00 0.00 ? 8  GLY A HA2  1 
ATOM 135 H HA3  . GLY A 1 8  ? 5.744   7.797   -1.589 1.00 0.00 ? 8  GLY A HA3  1 
ATOM 136 N N    . ILE A 1 9  ? 5.184   4.735   -1.772 1.00 0.00 ? 9  ILE A N    1 
ATOM 137 C CA   . ILE A 1 9  ? 4.874   3.619   -2.670 1.00 0.00 ? 9  ILE A CA   1 
ATOM 138 C C    . ILE A 1 9  ? 3.633   2.919   -2.157 1.00 0.00 ? 9  ILE A C    1 
ATOM 139 O O    . ILE A 1 9  ? 3.635   2.272   -1.109 1.00 0.00 ? 9  ILE A O    1 
ATOM 140 C CB   . ILE A 1 9  ? 5.985   2.612   -2.605 1.00 0.00 ? 9  ILE A CB   1 
ATOM 141 C CG1  . ILE A 1 9  ? 7.291   3.344   -2.705 1.00 0.00 ? 9  ILE A CG1  1 
ATOM 142 C CG2  . ILE A 1 9  ? 5.816   1.479   -3.599 1.00 0.00 ? 9  ILE A CG2  1 
ATOM 143 C CD1  . ILE A 1 9  ? 7.990   3.468   -4.030 1.00 0.00 ? 9  ILE A CD1  1 
ATOM 144 H H    . ILE A 1 9  ? 5.695   4.571   -0.916 1.00 0.00 ? 9  ILE A H    1 
ATOM 145 H HA   . ILE A 1 9  ? 4.730   3.963   -3.673 1.00 0.00 ? 9  ILE A HA   1 
ATOM 146 H HB   . ILE A 1 9  ? 5.949   2.175   -1.629 1.00 0.00 ? 9  ILE A HB   1 
ATOM 147 H HG12 . ILE A 1 9  ? 7.112   4.343   -2.356 1.00 0.00 ? 9  ILE A HG12 1 
ATOM 148 H HG13 . ILE A 1 9  ? 7.974   2.850   -2.042 1.00 0.00 ? 9  ILE A HG13 1 
ATOM 149 H HG21 . ILE A 1 9  ? 4.872   0.950   -3.395 1.00 0.00 ? 9  ILE A HG21 1 
ATOM 150 H HG22 . ILE A 1 9  ? 5.794   1.889   -4.621 1.00 0.00 ? 9  ILE A HG22 1 
ATOM 151 H HG23 . ILE A 1 9  ? 6.658   0.777   -3.503 1.00 0.00 ? 9  ILE A HG23 1 
ATOM 152 H HD11 . ILE A 1 9  ? 8.221   2.464   -4.418 1.00 0.00 ? 9  ILE A HD11 1 
ATOM 153 H HD12 . ILE A 1 9  ? 7.336   3.996   -4.741 1.00 0.00 ? 9  ILE A HD12 1 
ATOM 154 H HD13 . ILE A 1 9  ? 8.925   4.035   -3.899 1.00 0.00 ? 9  ILE A HD13 1 
ATOM 155 N N    . THR A 1 10 ? 2.603   3.063   -2.957 1.00 0.00 ? 10 THR A N    1 
ATOM 156 C CA   . THR A 1 10 ? 1.307   2.472   -2.629 1.00 0.00 ? 10 THR A CA   1 
ATOM 157 C C    . THR A 1 10 ? 1.304   1.008   -3.011 1.00 0.00 ? 10 THR A C    1 
ATOM 158 O O    . THR A 1 10 ? 1.753   0.619   -4.081 1.00 0.00 ? 10 THR A O    1 
ATOM 159 C CB   . THR A 1 10 ? 0.214   3.268   -3.335 1.00 0.00 ? 10 THR A CB   1 
ATOM 160 O OG1  . THR A 1 10 ? 0.447   4.624   -2.964 1.00 0.00 ? 10 THR A OG1  1 
ATOM 161 C CG2  . THR A 1 10 ? -1.188  2.901   -2.845 1.00 0.00 ? 10 THR A CG2  1 
ATOM 162 H H    . THR A 1 10 ? 2.708   3.589   -3.814 1.00 0.00 ? 10 THR A H    1 
ATOM 163 H HA   . THR A 1 10 ? 1.155   2.550   -1.572 1.00 0.00 ? 10 THR A HA   1 
ATOM 164 H HB   . THR A 1 10 ? 0.287   3.150   -4.396 1.00 0.00 ? 10 THR A HB   1 
ATOM 165 H HG1  . THR A 1 10 ? -0.211  5.187   -3.377 1.00 0.00 ? 10 THR A HG1  1 
ATOM 166 H HG21 . THR A 1 10 ? -1.373  1.832   -3.031 1.00 0.00 ? 10 THR A HG21 1 
ATOM 167 H HG22 . THR A 1 10 ? -1.265  3.104   -1.765 1.00 0.00 ? 10 THR A HG22 1 
ATOM 168 H HG23 . THR A 1 10 ? -1.935  3.502   -3.385 1.00 0.00 ? 10 THR A HG23 1 
ATOM 169 N N    . TYR A 1 11 ? 0.765   0.221   -2.115 1.00 0.00 ? 11 TYR A N    1 
ATOM 170 C CA   . TYR A 1 11 ? 0.703   -1.218  -2.307 1.00 0.00 ? 11 TYR A CA   1 
ATOM 171 C C    . TYR A 1 11 ? -0.618  -1.765  -1.858 1.00 0.00 ? 11 TYR A C    1 
ATOM 172 O O    . TYR A 1 11 ? -0.922  -1.884  -0.677 1.00 0.00 ? 11 TYR A O    1 
ATOM 173 C CB   . TYR A 1 11 ? 1.706   -1.810  -1.394 1.00 0.00 ? 11 TYR A CB   1 
ATOM 174 C CG   . TYR A 1 11 ? 3.053   -1.739  -1.969 1.00 0.00 ? 11 TYR A CG   1 
ATOM 175 C CD1  . TYR A 1 11 ? 3.593   -2.177  -3.003 1.00 0.00 ? 11 TYR A CD1  1 
ATOM 176 C CD2  . TYR A 1 11 ? 4.091   -1.224  -1.556 1.00 0.00 ? 11 TYR A CD2  1 
ATOM 177 C CE1  . TYR A 1 11 ? 4.813   -2.129  -3.525 1.00 0.00 ? 11 TYR A CE1  1 
ATOM 178 C CE2  . TYR A 1 11 ? 5.314   -1.183  -2.072 1.00 0.00 ? 11 TYR A CE2  1 
ATOM 179 C CZ   . TYR A 1 11 ? 5.846   -1.614  -3.108 1.00 0.00 ? 11 TYR A CZ   1 
ATOM 180 O OH   . TYR A 1 11 ? 7.046   -1.555  -3.639 1.00 0.00 ? 11 TYR A OH   1 
ATOM 181 H H    . TYR A 1 11 ? 0.382   0.623   -1.271 1.00 0.00 ? 11 TYR A H    1 
ATOM 182 H HA   . TYR A 1 11 ? 0.905   -1.481  -3.325 1.00 0.00 ? 11 TYR A HA   1 
ATOM 183 H HB2  . TYR A 1 11 ? 1.693   -1.273  -0.465 1.00 0.00 ? 11 TYR A HB2  1 
ATOM 184 H HB3  . TYR A 1 11 ? 1.454   -2.838  -1.217 1.00 0.00 ? 11 TYR A HB3  1 
ATOM 185 H HD1  . TYR A 1 11 ? 2.901   -2.731  -3.626 1.00 0.00 ? 11 TYR A HD1  1 
ATOM 186 H HD2  . TYR A 1 11 ? 3.990   -0.715  -0.606 1.00 0.00 ? 11 TYR A HD2  1 
ATOM 187 H HE1  . TYR A 1 11 ? 4.914   -2.629  -4.482 1.00 0.00 ? 11 TYR A HE1  1 
ATOM 188 H HE2  . TYR A 1 11 ? 6.013   -0.648  -1.440 1.00 0.00 ? 11 TYR A HE2  1 
ATOM 189 H HH   . TYR A 1 11 ? 7.050   -2.029  -4.474 1.00 0.00 ? 11 TYR A HH   1 
ATOM 190 N N    . GLU A 1 12 ? -1.406  -2.120  -2.829 1.00 0.00 ? 12 GLU A N    1 
ATOM 191 C CA   . GLU A 1 12 ? -2.687  -2.698  -2.467 1.00 0.00 ? 12 GLU A CA   1 
ATOM 192 C C    . GLU A 1 12 ? -2.669  -4.198  -2.508 1.00 0.00 ? 12 GLU A C    1 
ATOM 193 O O    . GLU A 1 12 ? -3.042  -4.892  -3.461 1.00 0.00 ? 12 GLU A O    1 
ATOM 194 C CB   . GLU A 1 12 ? -3.511  -2.410  -3.588 1.00 0.00 ? 12 GLU A CB   1 
ATOM 195 C CG   . GLU A 1 12 ? -4.331  -1.276  -3.286 1.00 0.00 ? 12 GLU A CG   1 
ATOM 196 C CD   . GLU A 1 12 ? -4.926  -1.420  -4.553 1.00 0.00 ? 12 GLU A CD   1 
ATOM 197 O OE1  . GLU A 1 12 ? -4.721  -1.429  -5.695 1.00 0.00 ? 12 GLU A OE1  1 
ATOM 198 O OE2  . GLU A 1 12 ? -5.943  -1.197  -4.419 1.00 0.00 ? 12 GLU A OE2  1 
ATOM 199 H H    . GLU A 1 12 ? -1.137  -1.999  -3.795 1.00 0.00 ? 12 GLU A H    1 
ATOM 200 H HA   . GLU A 1 12 ? -3.077  -2.309  -1.550 1.00 0.00 ? 12 GLU A HA   1 
ATOM 201 H HB2  . GLU A 1 12 ? -2.896  -2.193  -4.439 1.00 0.00 ? 12 GLU A HB2  1 
ATOM 202 H HB3  . GLU A 1 12 ? -4.134  -3.257  -3.803 1.00 0.00 ? 12 GLU A HB3  1 
ATOM 203 H HG2  . GLU A 1 12 ? -5.002  -1.419  -2.461 1.00 0.00 ? 12 GLU A HG2  1 
ATOM 204 H HG3  . GLU A 1 12 ? -3.789  -0.359  -3.150 1.00 0.00 ? 12 GLU A HG3  1 
ATOM 205 N N    . GLY A 1 13 ? -2.189  -4.655  -1.371 1.00 0.00 ? 13 GLY A N    1 
ATOM 206 C CA   . GLY A 1 13 ? -2.017  -6.086  -1.144 1.00 0.00 ? 13 GLY A CA   1 
ATOM 207 C C    . GLY A 1 13 ? -3.243  -6.819  -1.605 1.00 0.00 ? 13 GLY A C    1 
ATOM 208 O O    . GLY A 1 13 ? -3.313  -7.495  -2.624 1.00 0.00 ? 13 GLY A O    1 
ATOM 209 H H    . GLY A 1 13 ? -1.935  -4.003  -0.643 1.00 0.00 ? 13 GLY A H    1 
ATOM 210 H HA2  . GLY A 1 13 ? -1.163  -6.435  -1.693 1.00 0.00 ? 13 GLY A HA2  1 
ATOM 211 H HA3  . GLY A 1 13 ? -1.865  -6.266  -0.097 1.00 0.00 ? 13 GLY A HA3  1 
ATOM 212 N N    . ARG A 1 14 ? -4.176  -6.744  -0.734 1.00 0.00 ? 14 ARG A N    1 
ATOM 213 C CA   . ARG A 1 14 ? -5.387  -7.323  -1.170 1.00 0.00 ? 14 ARG A CA   1 
ATOM 214 C C    . ARG A 1 14 ? -6.286  -6.270  -1.659 1.00 0.00 ? 14 ARG A C    1 
ATOM 215 O O    . ARG A 1 14 ? -7.284  -6.597  -2.283 1.00 0.00 ? 14 ARG A O    1 
ATOM 216 C CB   . ARG A 1 14 ? -6.066  -7.616  0.038  1.00 0.00 ? 14 ARG A CB   1 
ATOM 217 C CG   . ARG A 1 14 ? -6.235  -8.838  -0.783 1.00 0.00 ? 14 ARG A CG   1 
ATOM 218 C CD   . ARG A 1 14 ? -7.274  -8.945  0.129  1.00 0.00 ? 14 ARG A CD   1 
ATOM 219 N NE   . ARG A 1 14 ? -6.532  -10.167 0.236  1.00 0.00 ? 14 ARG A NE   1 
ATOM 220 C CZ   . ARG A 1 14 ? -6.749  -10.906 1.011  1.00 0.00 ? 14 ARG A CZ   1 
ATOM 221 N NH1  . ARG A 1 14 ? -7.164  -10.922 1.583  1.00 0.00 ? 14 ARG A NH1  1 
ATOM 222 N NH2  . ARG A 1 14 ? -6.596  -11.704 1.039  1.00 0.00 ? 14 ARG A NH2  1 
ATOM 223 O OXT  . ARG A 1 14 ? -6.025  -5.182  -1.182 1.00 0.00 ? 14 ARG A OXT  1 
ATOM 224 H H    . ARG A 1 14 ? -4.059  -6.316  0.173  1.00 0.00 ? 14 ARG A H    1 
ATOM 225 H HA   . ARG A 1 14 ? -5.272  -8.155  -1.832 1.00 0.00 ? 14 ARG A HA   1 
ATOM 226 H HB2  . ARG A 1 14 ? -5.470  -7.701  0.925  1.00 0.00 ? 14 ARG A HB2  1 
ATOM 227 H HB3  . ARG A 1 14 ? -6.949  -7.045  0.253  1.00 0.00 ? 14 ARG A HB3  1 
ATOM 228 H HG2  . ARG A 1 14 ? -6.507  -8.695  -1.811 1.00 0.00 ? 14 ARG A HG2  1 
ATOM 229 H HG3  . ARG A 1 14 ? -5.457  -9.574  -0.718 1.00 0.00 ? 14 ARG A HG3  1 
ATOM 230 H HD2  . ARG A 1 14 ? -7.261  -8.284  0.974  1.00 0.00 ? 14 ARG A HD2  1 
ATOM 231 H HD3  . ARG A 1 14 ? -8.271  -9.005  -0.262 1.00 0.00 ? 14 ARG A HD3  1 
ATOM 232 H HE   . ARG A 1 14 ? -5.788  -10.349 -0.423 1.00 0.00 ? 14 ARG A HE   1 
ATOM 233 H HH11 . ARG A 1 14 ? -7.660  -10.090 1.870  1.00 0.00 ? 14 ARG A HH11 1 
ATOM 234 H HH12 . ARG A 1 14 ? -7.262  -11.776 2.112  1.00 0.00 ? 14 ARG A HH12 1 
ATOM 235 H HH21 . ARG A 1 14 ? -6.066  -12.142 0.299  1.00 0.00 ? 14 ARG A HH21 1 
ATOM 236 H HH22 . ARG A 1 14 ? -6.935  -12.256 1.814  1.00 0.00 ? 14 ARG A HH22 1 
# 
